data_2J2U
#
_entry.id   2J2U
#
_cell.length_a   56.862
_cell.length_b   72.862
_cell.length_c   78.142
_cell.angle_alpha   90.00
_cell.angle_beta   90.00
_cell.angle_gamma   90.00
#
_symmetry.space_group_name_H-M   'P 21 21 21'
#
loop_
_entity.id
_entity.type
_entity.pdbx_description
1 polymer 'COAGULATION FACTOR X HEAVY CHAIN'
2 polymer 'COAGULATION FACTOR X LIGHT CHAIN'
3 non-polymer 5-CHLORO-N-{(3S)-1-[(1S)-1-METHYL-2-MORPHOLIN-4-YL-2-5-CHLORO-N-{(3S)-1-[(1S)-1-METHYL-2-MORPHOLIN-4-YL-2-SULFONAMIDE
4 water water
#
loop_
_entity_poly.entity_id
_entity_poly.type
_entity_poly.pdbx_seq_one_letter_code
_entity_poly.pdbx_strand_id
1 'polypeptide(L)'
;IVGGQECKDGECPWQALLINEENEGFCGGTILSEFYILTAAHCLYQAKRFKVRVGDRNTEQEEGGEAVHEVEVVIKHNRF
TKETYDFDIAVLRLKTPITFRMNVAPACLPERDWAESTLMTQKTGIVSGFGRTHEKGRQSTRLKMLEVPYVDRNSCKLSS
SFIITQNMFCAGYDTKQEDACQGDSGGPHVTRFKDTYFVTGIVSWGEGCARKGKYGIYTKVTAFLKWIDRSMKTRGLPKA
KSHAPEVITSSPLK
;
A
2 'polypeptide(L)'
;EEMKKGHLERECMEETCSYEEAREVFEDSDKTNEFWNKYKDGDQCETSPCQNQGKCKDGLGEYTCTCLEGFEGKNCELFT
RKLCSLDNGDCDQFCHEEQNSVVCSCARGYTLADNGKACIPTGPYPCGKQTLER
;
B
#
loop_
_chem_comp.id
_chem_comp.type
_chem_comp.name
_chem_comp.formula
GSQ non-polymer 5-CHLORO-N-{(3S)-1-[(1S)-1-METHYL-2-MORPHOLIN-4-YL-2-5-CHLORO-N-{(3S)-1-[(1S)-1-METHYL-2-MORPHOLIN-4-YL-2-SULFONAMIDE 'C19 H23 Cl N4 O5 S'
#
# COMPACT_ATOMS: atom_id res chain seq x y z
N ILE A 1 -5.61 -4.46 -12.36
CA ILE A 1 -4.24 -5.00 -12.55
C ILE A 1 -4.10 -5.74 -13.89
N VAL A 2 -3.15 -5.26 -14.71
CA VAL A 2 -2.86 -5.86 -15.99
C VAL A 2 -1.70 -6.82 -15.81
N GLY A 3 -1.87 -8.07 -16.21
CA GLY A 3 -0.84 -9.08 -15.98
C GLY A 3 -0.90 -9.45 -14.50
N GLY A 4 0.19 -9.92 -13.94
CA GLY A 4 0.20 -10.30 -12.51
C GLY A 4 -0.50 -11.63 -12.28
N GLN A 5 -0.84 -11.91 -11.02
CA GLN A 5 -1.46 -13.17 -10.66
C GLN A 5 -2.64 -12.91 -9.68
N GLU A 6 -3.53 -13.90 -9.54
CA GLU A 6 -4.65 -13.79 -8.65
C GLU A 6 -4.08 -13.82 -7.22
N CYS A 7 -4.63 -13.03 -6.28
CA CYS A 7 -4.24 -13.19 -4.89
C CYS A 7 -4.85 -14.48 -4.41
N LYS A 8 -4.02 -15.38 -3.89
CA LYS A 8 -4.53 -16.66 -3.38
C LYS A 8 -4.96 -16.47 -1.92
N ASP A 9 -5.55 -17.51 -1.33
CA ASP A 9 -6.09 -17.44 0.02
C ASP A 9 -5.06 -16.92 1.00
N GLY A 10 -5.40 -15.79 1.65
CA GLY A 10 -4.52 -15.15 2.63
C GLY A 10 -3.31 -14.33 2.17
N GLU A 11 -3.09 -14.19 0.86
CA GLU A 11 -1.90 -13.49 0.33
C GLU A 11 -1.94 -11.94 0.32
N CYS A 12 -3.13 -11.36 0.30
CA CYS A 12 -3.28 -9.88 0.20
C CYS A 12 -4.33 -9.45 1.21
N PRO A 13 -4.11 -9.78 2.50
CA PRO A 13 -5.21 -9.58 3.44
C PRO A 13 -5.52 -8.13 3.79
N TRP A 14 -4.61 -7.24 3.45
CA TRP A 14 -4.73 -5.79 3.74
C TRP A 14 -5.48 -5.02 2.66
N GLN A 15 -5.95 -5.72 1.64
CA GLN A 15 -6.64 -5.05 0.55
C GLN A 15 -8.03 -4.62 1.04
N ALA A 16 -8.42 -3.40 0.68
CA ALA A 16 -9.78 -2.91 0.93
C ALA A 16 -10.35 -2.46 -0.41
N LEU A 17 -11.68 -2.47 -0.56
CA LEU A 17 -12.32 -2.08 -1.81
C LEU A 17 -13.35 -1.01 -1.49
N LEU A 18 -13.31 0.12 -2.18
CA LEU A 18 -14.30 1.15 -1.93
C LEU A 18 -15.39 0.86 -2.94
N ILE A 19 -16.62 0.79 -2.45
CA ILE A 19 -17.75 0.40 -3.31
C ILE A 19 -18.79 1.49 -3.29
N ASN A 20 -19.39 1.77 -4.46
CA ASN A 20 -20.39 2.86 -4.56
C ASN A 20 -21.77 2.41 -4.08
N GLU A 21 -22.77 3.28 -4.26
CA GLU A 21 -24.15 3.01 -3.87
C GLU A 21 -24.66 1.71 -4.46
N GLU A 22 -24.27 1.45 -5.72
CA GLU A 22 -24.61 0.25 -6.46
C GLU A 22 -23.72 -0.91 -6.06
N ASN A 23 -22.93 -0.72 -5.01
CA ASN A 23 -22.00 -1.73 -4.51
C ASN A 23 -21.02 -2.26 -5.58
N GLU A 24 -20.61 -1.37 -6.48
CA GLU A 24 -19.59 -1.66 -7.47
C GLU A 24 -18.28 -1.00 -6.98
N GLY A 25 -17.19 -1.76 -7.03
CA GLY A 25 -15.88 -1.25 -6.64
C GLY A 25 -15.37 -0.21 -7.63
N PHE A 26 -14.77 0.86 -7.12
CA PHE A 26 -14.23 1.91 -7.99
C PHE A 26 -12.79 2.33 -7.61
N CYS A 27 -12.35 1.93 -6.43
CA CYS A 27 -11.00 2.21 -5.95
C CYS A 27 -10.62 1.19 -4.86
N GLY A 28 -9.32 1.11 -4.56
CA GLY A 28 -8.82 0.25 -3.48
C GLY A 28 -8.46 1.06 -2.26
N GLY A 29 -7.98 0.36 -1.25
CA GLY A 29 -7.53 0.98 -0.02
C GLY A 29 -6.63 -0.03 0.65
N THR A 30 -5.92 0.39 1.69
CA THR A 30 -5.09 -0.53 2.45
C THR A 30 -5.57 -0.50 3.90
N ILE A 31 -5.76 -1.67 4.50
CA ILE A 31 -6.12 -1.72 5.93
C ILE A 31 -4.94 -1.34 6.79
N LEU A 32 -5.07 -0.31 7.64
CA LEU A 32 -4.00 0.06 8.56
C LEU A 32 -4.21 -0.40 10.00
N SER A 33 -5.46 -0.56 10.38
CA SER A 33 -5.78 -0.95 11.77
C SER A 33 -7.26 -1.27 11.73
N GLU A 34 -7.84 -1.62 12.89
CA GLU A 34 -9.23 -2.06 12.90
C GLU A 34 -10.21 -0.96 12.44
N PHE A 35 -9.82 0.29 12.63
CA PHE A 35 -10.65 1.45 12.29
C PHE A 35 -10.21 2.28 11.12
N TYR A 36 -8.98 2.09 10.63
CA TYR A 36 -8.47 2.99 9.58
C TYR A 36 -8.07 2.35 8.27
N ILE A 37 -8.44 3.02 7.17
CA ILE A 37 -8.09 2.61 5.83
C ILE A 37 -7.31 3.76 5.18
N LEU A 38 -6.25 3.40 4.47
CA LEU A 38 -5.48 4.35 3.65
C LEU A 38 -5.95 4.28 2.22
N THR A 39 -6.15 5.44 1.58
CA THR A 39 -6.57 5.44 0.15
C THR A 39 -6.03 6.70 -0.56
N ALA A 40 -6.39 6.89 -1.84
CA ALA A 40 -5.95 8.05 -2.59
C ALA A 40 -7.01 9.14 -2.45
N ALA A 41 -6.55 10.38 -2.28
CA ALA A 41 -7.48 11.53 -2.21
C ALA A 41 -8.37 11.64 -3.44
N HIS A 42 -7.82 11.33 -4.62
CA HIS A 42 -8.58 11.44 -5.89
C HIS A 42 -9.76 10.47 -6.00
N CYS A 43 -9.70 9.34 -5.28
CA CYS A 43 -10.80 8.38 -5.23
C CYS A 43 -12.06 8.98 -4.61
N LEU A 44 -11.89 9.98 -3.78
CA LEU A 44 -13.02 10.58 -3.07
C LEU A 44 -13.96 11.41 -3.95
N TYR A 45 -13.62 11.55 -5.23
CA TYR A 45 -14.43 12.30 -6.20
C TYR A 45 -15.13 11.36 -7.16
N GLN A 46 -14.89 10.07 -7.01
CA GLN A 46 -15.44 9.09 -7.95
C GLN A 46 -16.76 8.49 -7.49
N ALA A 47 -17.25 8.99 -6.35
CA ALA A 47 -18.51 8.57 -5.77
C ALA A 47 -18.90 9.58 -4.71
N LYS A 48 -20.21 9.81 -4.59
CA LYS A 48 -20.77 10.76 -3.63
C LYS A 48 -20.86 10.10 -2.25
N ARG A 49 -21.28 8.84 -2.23
CA ARG A 49 -21.33 8.05 -1.01
C ARG A 49 -20.69 6.73 -1.29
N PHE A 50 -19.91 6.23 -0.34
CA PHE A 50 -19.26 4.94 -0.52
C PHE A 50 -19.06 4.23 0.81
N LYS A 51 -18.87 2.92 0.72
CA LYS A 51 -18.58 2.07 1.85
C LYS A 51 -17.28 1.32 1.53
N VAL A 52 -16.74 0.61 2.52
CA VAL A 52 -15.51 -0.15 2.31
C VAL A 52 -15.78 -1.64 2.51
N ARG A 53 -15.35 -2.46 1.56
CA ARG A 53 -15.44 -3.91 1.68
C ARG A 53 -14.06 -4.51 1.96
N VAL A 54 -14.00 -5.46 2.89
CA VAL A 54 -12.76 -6.16 3.18
C VAL A 54 -13.00 -7.66 3.14
N GLY A 55 -11.94 -8.42 2.87
CA GLY A 55 -11.99 -9.86 2.93
C GLY A 55 -12.46 -10.63 1.72
N ASP A 56 -13.02 -9.94 0.74
CA ASP A 56 -13.52 -10.64 -0.45
C ASP A 56 -12.43 -10.62 -1.50
N ARG A 57 -12.12 -11.77 -2.08
CA ARG A 57 -11.15 -11.88 -3.16
C ARG A 57 -11.93 -12.03 -4.47
N ASN A 58 -13.19 -12.40 -4.32
CA ASN A 58 -14.07 -12.64 -5.44
C ASN A 58 -15.37 -11.87 -5.20
N THR A 59 -15.58 -10.82 -5.99
CA THR A 59 -16.77 -9.96 -5.86
C THR A 59 -18.08 -10.67 -6.24
N GLU A 60 -17.99 -11.88 -6.77
CA GLU A 60 -19.19 -12.62 -7.16
C GLU A 60 -19.66 -13.59 -6.10
N GLN A 61 -18.74 -14.08 -5.28
CA GLN A 61 -19.07 -15.00 -4.20
C GLN A 61 -18.68 -14.43 -2.84
N GLU A 62 -19.69 -14.15 -2.02
CA GLU A 62 -19.48 -13.59 -0.68
C GLU A 62 -18.68 -14.52 0.24
N ALA A 67 -17.11 -8.45 4.47
CA ALA A 67 -17.77 -7.56 5.41
C ALA A 67 -17.68 -6.12 4.90
N VAL A 68 -18.82 -5.43 5.03
CA VAL A 68 -18.99 -4.06 4.54
C VAL A 68 -18.99 -3.09 5.70
N HIS A 69 -18.17 -2.06 5.61
CA HIS A 69 -18.07 -1.07 6.67
C HIS A 69 -18.37 0.32 6.16
N GLU A 70 -19.19 1.05 6.92
CA GLU A 70 -19.48 2.40 6.57
C GLU A 70 -18.38 3.29 7.09
N VAL A 71 -18.21 4.41 6.41
CA VAL A 71 -17.17 5.36 6.75
C VAL A 71 -17.74 6.41 7.69
N GLU A 72 -17.04 6.68 8.78
CA GLU A 72 -17.45 7.72 9.70
C GLU A 72 -16.82 9.08 9.38
N VAL A 73 -15.50 9.10 9.22
CA VAL A 73 -14.74 10.34 8.94
C VAL A 73 -13.84 10.16 7.71
N VAL A 74 -13.86 11.13 6.80
CA VAL A 74 -12.92 11.12 5.67
C VAL A 74 -11.87 12.18 5.98
N ILE A 75 -10.60 11.77 6.02
CA ILE A 75 -9.52 12.72 6.26
C ILE A 75 -8.72 12.80 4.99
N LYS A 76 -8.89 13.93 4.31
CA LYS A 76 -8.28 14.16 3.01
C LYS A 76 -7.15 15.14 3.20
N HIS A 77 -6.05 14.94 2.48
CA HIS A 77 -4.92 15.85 2.60
C HIS A 77 -5.33 17.21 2.01
N ASN A 78 -5.18 18.27 2.79
CA ASN A 78 -5.61 19.62 2.39
C ASN A 78 -4.89 20.16 1.15
N ARG A 79 -3.76 19.55 0.81
CA ARG A 79 -2.97 20.01 -0.32
C ARG A 79 -3.14 19.20 -1.61
N PHE A 80 -4.02 18.19 -1.59
CA PHE A 80 -4.27 17.44 -2.81
C PHE A 80 -4.60 18.38 -3.96
N THR A 81 -3.99 18.16 -5.13
CA THR A 81 -4.28 18.99 -6.31
C THR A 81 -4.78 18.13 -7.44
N LYS A 82 -5.94 18.48 -7.97
CA LYS A 82 -6.51 17.73 -9.08
C LYS A 82 -5.62 17.86 -10.32
N GLU A 83 -4.86 18.95 -10.38
CA GLU A 83 -4.04 19.23 -11.55
C GLU A 83 -2.77 18.40 -11.68
N THR A 84 -2.11 18.07 -10.57
CA THR A 84 -0.88 17.27 -10.63
C THR A 84 -0.96 15.92 -9.89
N TYR A 85 -2.04 15.71 -9.14
CA TYR A 85 -2.21 14.53 -8.25
C TYR A 85 -1.17 14.50 -7.14
N ASP A 86 -0.60 15.67 -6.83
CA ASP A 86 0.35 15.75 -5.73
C ASP A 86 -0.47 15.63 -4.46
N PHE A 87 0.14 15.08 -3.40
CA PHE A 87 -0.55 14.86 -2.11
C PHE A 87 -1.76 13.95 -2.29
N ASP A 88 -1.63 12.92 -3.14
CA ASP A 88 -2.75 12.05 -3.42
C ASP A 88 -2.93 10.99 -2.30
N ILE A 89 -3.50 11.41 -1.17
CA ILE A 89 -3.67 10.56 0.02
C ILE A 89 -4.86 10.96 0.90
N ALA A 90 -5.55 9.95 1.45
CA ALA A 90 -6.63 10.18 2.39
C ALA A 90 -6.66 9.04 3.37
N VAL A 91 -7.13 9.31 4.59
CA VAL A 91 -7.35 8.26 5.59
C VAL A 91 -8.84 8.20 5.94
N LEU A 92 -9.39 6.98 5.98
CA LEU A 92 -10.78 6.78 6.33
C LEU A 92 -10.88 6.18 7.73
N ARG A 93 -11.74 6.74 8.58
CA ARG A 93 -12.00 6.12 9.90
C ARG A 93 -13.36 5.47 9.75
N LEU A 94 -13.44 4.18 10.06
CA LEU A 94 -14.68 3.45 9.87
C LEU A 94 -15.63 3.60 11.08
N LYS A 95 -16.93 3.39 10.85
CA LYS A 95 -17.92 3.46 11.94
C LYS A 95 -17.80 2.29 12.91
N THR A 96 -17.53 1.10 12.35
CA THR A 96 -17.37 -0.13 13.15
C THR A 96 -15.97 -0.74 12.89
N PRO A 97 -15.35 -1.36 13.91
CA PRO A 97 -14.00 -1.91 13.67
C PRO A 97 -13.97 -3.17 12.82
N ILE A 98 -12.88 -3.32 12.08
CA ILE A 98 -12.70 -4.49 11.27
C ILE A 98 -12.32 -5.69 12.15
N THR A 99 -12.94 -6.83 11.91
CA THR A 99 -12.56 -8.06 12.55
C THR A 99 -11.52 -8.77 11.69
N PHE A 100 -10.33 -8.97 12.26
CA PHE A 100 -9.25 -9.59 11.50
C PHE A 100 -9.50 -11.09 11.48
N ARG A 101 -9.15 -11.69 10.34
CA ARG A 101 -9.42 -13.09 10.09
C ARG A 101 -8.68 -13.47 8.83
N MET A 102 -8.87 -14.71 8.38
CA MET A 102 -8.29 -15.12 7.10
C MET A 102 -8.71 -14.08 6.07
N ASN A 103 -7.75 -13.57 5.31
CA ASN A 103 -7.96 -12.57 4.27
C ASN A 103 -8.28 -11.17 4.76
N VAL A 104 -8.18 -10.93 6.06
CA VAL A 104 -8.40 -9.61 6.61
C VAL A 104 -7.42 -9.31 7.73
N ALA A 105 -6.42 -8.50 7.41
CA ALA A 105 -5.35 -8.13 8.33
C ALA A 105 -4.70 -6.84 7.86
N PRO A 106 -4.16 -6.07 8.80
CA PRO A 106 -3.53 -4.82 8.38
C PRO A 106 -2.11 -4.98 7.85
N ALA A 107 -1.67 -4.04 7.02
CA ALA A 107 -0.27 -3.96 6.57
C ALA A 107 0.42 -3.14 7.62
N CYS A 108 1.73 -3.30 7.75
CA CYS A 108 2.46 -2.52 8.76
C CYS A 108 2.85 -1.16 8.23
N LEU A 109 2.78 -0.15 9.09
CA LEU A 109 3.34 1.16 8.73
C LEU A 109 4.77 1.14 9.21
N PRO A 110 5.72 1.46 8.33
CA PRO A 110 7.11 1.43 8.78
C PRO A 110 7.53 2.79 9.41
N GLU A 111 8.68 2.79 10.08
CA GLU A 111 9.27 4.05 10.55
C GLU A 111 9.90 4.69 9.33
N ARG A 112 9.84 6.01 9.24
CA ARG A 112 10.26 6.70 8.01
C ARG A 112 11.69 6.51 7.49
N ASP A 113 12.71 6.73 8.32
CA ASP A 113 14.08 6.62 7.79
C ASP A 113 14.44 5.21 7.37
N TRP A 114 14.01 4.24 8.17
CA TRP A 114 14.26 2.85 7.86
C TRP A 114 13.55 2.47 6.56
N ALA A 115 12.33 2.94 6.37
CA ALA A 115 11.60 2.68 5.11
C ALA A 115 12.39 3.20 3.94
N GLU A 116 12.88 4.43 4.05
CA GLU A 116 13.61 5.03 2.97
C GLU A 116 14.91 4.29 2.68
N SER A 117 15.64 3.89 3.71
CA SER A 117 16.93 3.23 3.47
C SER A 117 16.84 1.73 3.20
N THR A 118 15.78 1.09 3.71
CA THR A 118 15.68 -0.37 3.63
C THR A 118 14.55 -0.91 2.78
N LEU A 119 13.41 -0.24 2.75
CA LEU A 119 12.30 -0.77 1.95
C LEU A 119 12.31 -0.19 0.53
N MET A 120 12.43 1.13 0.42
CA MET A 120 12.40 1.79 -0.88
C MET A 120 13.62 1.40 -1.71
N THR A 121 14.63 0.79 -1.07
CA THR A 121 15.84 0.36 -1.79
C THR A 121 15.80 -1.11 -2.21
N GLN A 122 14.70 -1.81 -1.89
CA GLN A 122 14.55 -3.20 -2.32
C GLN A 122 14.33 -3.21 -3.82
N LYS A 123 14.44 -4.38 -4.44
CA LYS A 123 14.27 -4.48 -5.87
C LYS A 123 12.84 -4.21 -6.31
N THR A 124 11.88 -4.73 -5.54
CA THR A 124 10.46 -4.64 -5.93
C THR A 124 9.52 -4.43 -4.75
N GLY A 125 8.28 -4.07 -5.09
CA GLY A 125 7.16 -4.03 -4.16
C GLY A 125 6.01 -4.79 -4.84
N ILE A 126 4.84 -4.79 -4.22
CA ILE A 126 3.69 -5.51 -4.77
C ILE A 126 2.51 -4.59 -4.76
N VAL A 127 1.86 -4.47 -5.91
CA VAL A 127 0.62 -3.70 -6.02
C VAL A 127 -0.55 -4.67 -6.16
N SER A 128 -1.73 -4.32 -5.64
CA SER A 128 -2.87 -5.23 -5.80
C SER A 128 -4.15 -4.45 -6.00
N GLY A 129 -5.16 -5.09 -6.59
CA GLY A 129 -6.44 -4.44 -6.70
C GLY A 129 -7.42 -5.22 -7.58
N PHE A 130 -8.62 -4.69 -7.65
CA PHE A 130 -9.72 -5.24 -8.44
C PHE A 130 -9.92 -4.42 -9.71
N GLY A 131 -8.91 -3.66 -10.09
CA GLY A 131 -9.00 -2.80 -11.27
C GLY A 131 -9.08 -3.58 -12.57
N ARG A 132 -9.17 -2.85 -13.68
CA ARG A 132 -9.20 -3.45 -15.02
C ARG A 132 -7.96 -4.27 -15.28
N THR A 133 -8.14 -5.34 -16.06
CA THR A 133 -7.05 -6.25 -16.43
C THR A 133 -6.48 -5.92 -17.83
N HIS A 134 -7.10 -4.94 -18.49
CA HIS A 134 -6.61 -4.39 -19.77
C HIS A 134 -7.02 -2.91 -19.76
N GLU A 135 -6.31 -2.04 -20.48
CA GLU A 135 -6.66 -0.61 -20.45
C GLU A 135 -8.14 -0.39 -20.77
N LYS A 136 -8.64 -1.16 -21.73
CA LYS A 136 -10.07 -1.15 -22.05
C LYS A 136 -10.64 -2.49 -21.56
N GLY A 137 -11.47 -2.43 -20.53
CA GLY A 137 -12.06 -3.62 -19.95
C GLY A 137 -12.92 -3.30 -18.75
N ARG A 138 -13.55 -4.33 -18.21
CA ARG A 138 -14.38 -4.19 -17.05
C ARG A 138 -13.49 -4.39 -15.80
N GLN A 139 -13.99 -3.97 -14.64
CA GLN A 139 -13.29 -4.19 -13.37
C GLN A 139 -13.11 -5.69 -13.15
N SER A 140 -12.04 -6.10 -12.45
CA SER A 140 -11.80 -7.53 -12.23
C SER A 140 -12.75 -8.03 -11.14
N THR A 141 -13.26 -9.25 -11.28
CA THR A 141 -14.09 -9.78 -10.19
C THR A 141 -13.18 -10.48 -9.18
N ARG A 142 -11.91 -10.71 -9.56
CA ARG A 142 -10.95 -11.37 -8.68
C ARG A 142 -9.86 -10.39 -8.30
N LEU A 143 -9.41 -10.50 -7.05
CA LEU A 143 -8.31 -9.65 -6.59
C LEU A 143 -7.04 -10.18 -7.19
N LYS A 144 -6.27 -9.28 -7.78
CA LYS A 144 -4.98 -9.56 -8.39
C LYS A 144 -3.82 -8.82 -7.72
N MET A 145 -2.62 -9.35 -7.88
CA MET A 145 -1.42 -8.68 -7.38
C MET A 145 -0.33 -8.78 -8.44
N LEU A 146 0.67 -7.91 -8.34
CA LEU A 146 1.73 -7.86 -9.32
C LEU A 146 3.00 -7.38 -8.63
N GLU A 147 4.10 -8.07 -8.83
CA GLU A 147 5.39 -7.61 -8.27
C GLU A 147 5.84 -6.51 -9.24
N VAL A 148 6.18 -5.34 -8.72
CA VAL A 148 6.61 -4.23 -9.56
C VAL A 148 7.95 -3.71 -9.08
N PRO A 149 8.96 -3.70 -9.98
CA PRO A 149 10.27 -3.17 -9.63
C PRO A 149 10.22 -1.68 -9.32
N TYR A 150 10.97 -1.27 -8.31
CA TYR A 150 11.13 0.14 -8.03
C TYR A 150 11.87 0.73 -9.22
N VAL A 151 11.47 1.93 -9.63
CA VAL A 151 12.04 2.58 -10.79
C VAL A 151 12.91 3.76 -10.31
N ASP A 152 14.11 3.84 -10.87
CA ASP A 152 15.05 4.94 -10.62
C ASP A 152 14.35 6.29 -10.77
N ARG A 153 14.57 7.23 -9.85
CA ARG A 153 13.86 8.52 -9.92
C ARG A 153 14.10 9.30 -11.23
N ASN A 154 15.35 9.31 -11.69
CA ASN A 154 15.69 10.04 -12.93
C ASN A 154 15.05 9.38 -14.16
N SER A 155 15.20 8.05 -14.27
CA SER A 155 14.57 7.29 -15.34
C SER A 155 13.08 7.59 -15.35
N CYS A 156 12.49 7.70 -14.17
CA CYS A 156 11.05 7.95 -14.11
C CYS A 156 10.63 9.32 -14.64
N LYS A 157 11.30 10.38 -14.17
CA LYS A 157 11.00 11.74 -14.62
C LYS A 157 11.22 11.85 -16.14
N LEU A 158 12.26 11.18 -16.65
CA LEU A 158 12.54 11.19 -18.08
C LEU A 158 11.43 10.51 -18.92
N SER A 159 10.76 9.52 -18.34
CA SER A 159 9.71 8.76 -19.03
C SER A 159 8.34 9.44 -18.98
N SER A 160 8.19 10.41 -18.08
CA SER A 160 6.90 11.01 -17.80
C SER A 160 6.57 12.32 -18.49
N SER A 161 5.33 12.44 -18.98
CA SER A 161 4.82 13.65 -19.60
C SER A 161 4.28 14.64 -18.57
N PHE A 162 4.24 14.21 -17.30
CA PHE A 162 3.73 15.05 -16.21
C PHE A 162 4.77 15.07 -15.11
N ILE A 163 4.72 16.09 -14.25
CA ILE A 163 5.71 16.24 -13.18
C ILE A 163 5.60 15.16 -12.10
N ILE A 164 6.75 14.58 -11.75
CA ILE A 164 6.88 13.62 -10.66
C ILE A 164 7.40 14.41 -9.44
N THR A 165 6.55 14.62 -8.44
CA THR A 165 6.96 15.35 -7.24
C THR A 165 7.71 14.43 -6.27
N GLN A 166 8.27 15.00 -5.20
CA GLN A 166 8.93 14.17 -4.19
C GLN A 166 7.87 13.37 -3.36
N ASN A 167 6.59 13.66 -3.57
CA ASN A 167 5.54 12.91 -2.88
C ASN A 167 5.12 11.66 -3.67
N MET A 168 5.83 11.38 -4.77
CA MET A 168 5.52 10.28 -5.67
C MET A 168 6.75 9.47 -5.98
N PHE A 169 6.54 8.21 -6.37
CA PHE A 169 7.63 7.38 -6.87
C PHE A 169 7.06 6.50 -7.99
N CYS A 170 7.94 5.91 -8.78
CA CYS A 170 7.53 5.10 -9.92
C CYS A 170 7.87 3.68 -9.71
N ALA A 171 7.01 2.79 -10.21
CA ALA A 171 7.29 1.35 -10.15
C ALA A 171 6.67 0.67 -11.35
N GLY A 172 7.28 -0.41 -11.78
CA GLY A 172 6.71 -1.11 -12.90
C GLY A 172 7.75 -1.55 -13.88
N TYR A 173 7.29 -1.81 -15.09
CA TYR A 173 8.13 -2.34 -16.15
C TYR A 173 8.12 -1.37 -17.32
N ASP A 174 9.25 -1.23 -18.00
CA ASP A 174 9.32 -0.32 -19.15
C ASP A 174 8.65 -0.92 -20.39
N THR A 175 8.93 -2.19 -20.62
CA THR A 175 8.45 -2.89 -21.82
C THR A 175 7.43 -4.00 -21.54
N LYS A 176 7.70 -4.84 -20.54
CA LYS A 176 6.81 -5.94 -20.12
C LYS A 176 5.44 -5.32 -19.82
N GLN A 177 4.38 -5.97 -20.27
CA GLN A 177 3.02 -5.38 -20.21
C GLN A 177 2.22 -5.73 -18.94
N GLU A 178 2.68 -5.18 -17.83
CA GLU A 178 2.09 -5.45 -16.53
C GLU A 178 2.09 -4.15 -15.78
N ASP A 179 0.94 -3.80 -15.22
CA ASP A 179 0.79 -2.53 -14.50
C ASP A 179 -0.50 -2.54 -13.68
N ALA A 180 -0.65 -1.55 -12.78
CA ALA A 180 -1.92 -1.28 -12.14
C ALA A 180 -2.72 -0.62 -13.25
N CYS A 181 -4.01 -0.40 -13.03
CA CYS A 181 -4.88 0.17 -14.05
C CYS A 181 -6.08 0.82 -13.38
N GLN A 182 -7.05 1.30 -14.16
CA GLN A 182 -8.22 1.97 -13.58
C GLN A 182 -8.98 1.05 -12.62
N GLY A 183 -9.35 1.61 -11.47
CA GLY A 183 -10.07 0.86 -10.45
C GLY A 183 -9.13 0.40 -9.35
N ASP A 184 -7.83 0.35 -9.65
CA ASP A 184 -6.78 -0.02 -8.69
C ASP A 184 -6.33 1.17 -7.82
N SER A 185 -6.57 2.39 -8.31
CA SER A 185 -6.22 3.61 -7.58
C SER A 185 -6.64 3.54 -6.12
N GLY A 186 -5.77 4.06 -5.24
CA GLY A 186 -6.05 4.09 -3.81
C GLY A 186 -5.61 2.83 -3.09
N GLY A 187 -5.27 1.79 -3.87
CA GLY A 187 -4.91 0.47 -3.33
C GLY A 187 -3.48 0.37 -2.80
N PRO A 188 -3.12 -0.79 -2.24
CA PRO A 188 -1.80 -0.99 -1.64
C PRO A 188 -0.65 -1.18 -2.60
N HIS A 189 0.46 -0.52 -2.24
CA HIS A 189 1.77 -0.88 -2.75
C HIS A 189 2.47 -1.22 -1.44
N VAL A 190 2.89 -2.48 -1.30
CA VAL A 190 3.57 -2.97 -0.09
C VAL A 190 4.94 -3.53 -0.47
N THR A 191 5.86 -3.52 0.49
CA THR A 191 7.21 -4.04 0.23
C THR A 191 7.48 -5.07 1.32
N ARG A 192 7.97 -6.25 0.94
CA ARG A 192 8.19 -7.31 1.89
C ARG A 192 9.58 -7.16 2.45
N PHE A 193 9.70 -7.32 3.77
CA PHE A 193 11.02 -7.38 4.36
C PHE A 193 10.97 -8.50 5.39
N LYS A 194 11.82 -9.52 5.22
CA LYS A 194 11.79 -10.71 6.08
C LYS A 194 10.37 -11.22 6.40
N ASP A 195 9.62 -11.51 5.36
CA ASP A 195 8.24 -12.03 5.51
C ASP A 195 7.23 -11.14 6.22
N THR A 196 7.53 -9.84 6.28
CA THR A 196 6.58 -8.87 6.84
C THR A 196 6.36 -7.82 5.76
N TYR A 197 5.09 -7.47 5.54
CA TYR A 197 4.73 -6.55 4.48
C TYR A 197 4.40 -5.15 5.05
N PHE A 198 5.10 -4.16 4.53
CA PHE A 198 4.97 -2.77 5.00
C PHE A 198 4.38 -1.93 3.90
N VAL A 199 3.44 -1.02 4.24
CA VAL A 199 2.86 -0.17 3.24
C VAL A 199 3.91 0.86 2.82
N THR A 200 4.13 0.93 1.52
CA THR A 200 5.12 1.83 0.94
C THR A 200 4.52 2.80 -0.11
N GLY A 201 3.38 2.47 -0.69
CA GLY A 201 2.78 3.39 -1.63
C GLY A 201 1.28 3.29 -1.73
N ILE A 202 0.66 4.25 -2.41
CA ILE A 202 -0.77 4.20 -2.69
C ILE A 202 -0.86 4.27 -4.23
N VAL A 203 -1.64 3.41 -4.87
CA VAL A 203 -1.76 3.44 -6.35
C VAL A 203 -2.34 4.82 -6.69
N SER A 204 -1.70 5.58 -7.58
CA SER A 204 -2.16 6.95 -7.78
C SER A 204 -2.56 7.25 -9.23
N TRP A 205 -1.63 7.14 -10.17
CA TRP A 205 -1.94 7.44 -11.59
C TRP A 205 -0.95 6.84 -12.59
N GLY A 206 -1.27 6.94 -13.87
CA GLY A 206 -0.38 6.42 -14.89
C GLY A 206 -0.93 6.96 -16.20
N GLU A 207 -0.07 7.02 -17.20
CA GLU A 207 -0.49 7.45 -18.55
C GLU A 207 -0.93 6.18 -19.26
N GLY A 208 -2.21 5.84 -19.11
CA GLY A 208 -2.76 4.59 -19.63
C GLY A 208 -2.40 3.45 -18.68
N CYS A 209 -2.47 2.21 -19.17
CA CYS A 209 -2.08 1.09 -18.34
C CYS A 209 -1.14 0.23 -19.13
N ALA A 210 0.03 -0.04 -18.56
CA ALA A 210 1.01 -0.92 -19.19
C ALA A 210 1.45 -0.42 -20.57
N ARG A 211 1.58 0.89 -20.73
CA ARG A 211 2.09 1.46 -21.99
C ARG A 211 3.62 1.42 -22.02
N LYS A 212 4.18 1.05 -23.17
CA LYS A 212 5.62 1.03 -23.34
C LYS A 212 6.16 2.43 -23.00
N GLY A 213 7.29 2.46 -22.32
CA GLY A 213 7.92 3.72 -21.88
C GLY A 213 7.23 4.45 -20.74
N LYS A 214 6.25 3.83 -20.12
CA LYS A 214 5.53 4.46 -19.01
C LYS A 214 5.52 3.53 -17.80
N TYR A 215 5.54 4.11 -16.61
CA TYR A 215 5.52 3.37 -15.36
C TYR A 215 4.27 3.73 -14.54
N GLY A 216 3.99 2.97 -13.48
CA GLY A 216 2.89 3.36 -12.60
C GLY A 216 3.40 4.37 -11.60
N ILE A 217 2.57 5.35 -11.25
CA ILE A 217 2.97 6.40 -10.31
C ILE A 217 2.22 6.21 -9.01
N TYR A 218 2.98 6.20 -7.93
CA TYR A 218 2.42 5.92 -6.61
C TYR A 218 2.69 7.02 -5.62
N THR A 219 1.75 7.23 -4.70
CA THR A 219 1.97 8.15 -3.58
C THR A 219 3.05 7.57 -2.68
N LYS A 220 4.08 8.35 -2.38
CA LYS A 220 5.17 7.88 -1.55
C LYS A 220 4.69 7.94 -0.10
N VAL A 221 4.33 6.80 0.49
CA VAL A 221 3.85 6.78 1.87
C VAL A 221 4.86 7.39 2.89
N THR A 222 6.16 7.21 2.67
CA THR A 222 7.17 7.71 3.65
C THR A 222 7.05 9.23 3.83
N ALA A 223 6.63 9.91 2.78
CA ALA A 223 6.46 11.38 2.83
C ALA A 223 5.31 11.78 3.76
N PHE A 224 4.46 10.82 4.11
CA PHE A 224 3.24 11.11 4.89
C PHE A 224 3.05 10.29 6.16
N LEU A 225 4.11 9.69 6.68
CA LEU A 225 3.96 8.86 7.88
C LEU A 225 3.47 9.65 9.09
N LYS A 226 4.01 10.84 9.30
CA LYS A 226 3.56 11.65 10.45
C LYS A 226 2.13 12.11 10.23
N TRP A 227 1.82 12.51 9.01
CA TRP A 227 0.45 12.87 8.63
C TRP A 227 -0.54 11.72 8.94
N ILE A 228 -0.20 10.51 8.51
CA ILE A 228 -1.02 9.31 8.78
C ILE A 228 -1.17 9.10 10.29
N ASP A 229 -0.06 9.10 11.02
CA ASP A 229 -0.08 8.93 12.48
C ASP A 229 -1.02 9.92 13.12
N ARG A 230 -0.89 11.18 12.73
CA ARG A 230 -1.76 12.26 13.23
C ARG A 230 -3.23 12.00 12.89
N SER A 231 -3.50 11.59 11.66
CA SER A 231 -4.89 11.30 11.26
C SER A 231 -5.55 10.16 12.06
N MET A 232 -4.75 9.21 12.52
CA MET A 232 -5.28 8.05 13.25
C MET A 232 -5.48 8.31 14.75
N LYS A 233 -5.30 9.57 15.16
CA LYS A 233 -5.44 9.98 16.56
C LYS A 233 -6.54 11.01 16.78
N ARG B 81 29.86 -2.06 4.26
CA ARG B 81 28.63 -2.25 5.10
C ARG B 81 28.91 -2.56 6.58
N LYS B 82 28.36 -1.72 7.46
CA LYS B 82 28.48 -1.88 8.91
C LYS B 82 27.16 -1.54 9.61
N LEU B 83 27.02 -1.99 10.86
CA LEU B 83 25.83 -1.74 11.68
C LEU B 83 24.53 -2.02 10.93
N CYS B 84 23.63 -1.02 10.82
CA CYS B 84 22.35 -1.26 10.12
C CYS B 84 22.53 -1.56 8.65
N SER B 85 23.70 -1.26 8.09
CA SER B 85 23.97 -1.53 6.67
C SER B 85 24.37 -2.95 6.42
N LEU B 86 24.73 -3.65 7.50
CA LEU B 86 25.12 -5.03 7.41
C LEU B 86 23.90 -5.88 7.81
N ASP B 87 23.25 -6.44 6.80
CA ASP B 87 22.07 -7.30 6.98
C ASP B 87 21.07 -6.72 7.98
N ASN B 88 20.77 -5.42 7.84
CA ASN B 88 19.79 -4.75 8.72
C ASN B 88 20.11 -4.84 10.21
N GLY B 89 21.41 -4.95 10.53
CA GLY B 89 21.87 -5.04 11.93
C GLY B 89 21.39 -6.32 12.62
N ASP B 90 20.98 -7.30 11.83
CA ASP B 90 20.40 -8.56 12.34
C ASP B 90 18.99 -8.35 12.95
N CYS B 91 18.38 -7.19 12.70
CA CYS B 91 17.06 -6.87 13.26
C CYS B 91 15.98 -7.48 12.39
N ASP B 92 14.90 -7.92 13.01
CA ASP B 92 13.75 -8.45 12.24
C ASP B 92 13.08 -7.33 11.43
N GLN B 93 12.95 -6.17 12.06
CA GLN B 93 12.26 -5.03 11.44
C GLN B 93 13.12 -3.76 11.48
N PHE B 94 12.73 -2.78 12.27
CA PHE B 94 13.42 -1.47 12.27
C PHE B 94 14.81 -1.55 12.87
N CYS B 95 15.76 -0.92 12.20
CA CYS B 95 17.14 -0.83 12.70
C CYS B 95 17.50 0.64 12.76
N HIS B 96 18.01 1.10 13.89
CA HIS B 96 18.56 2.45 14.04
C HIS B 96 19.96 2.35 14.62
N GLU B 97 20.80 3.33 14.33
CA GLU B 97 22.13 3.36 14.93
C GLU B 97 22.17 4.48 15.99
N GLU B 98 22.42 4.09 17.24
CA GLU B 98 22.57 5.02 18.36
C GLU B 98 23.95 4.83 18.98
N GLN B 99 24.75 5.91 18.96
CA GLN B 99 26.07 5.89 19.56
C GLN B 99 26.93 4.79 18.98
N ASN B 100 26.86 4.65 17.65
CA ASN B 100 27.63 3.68 16.86
C ASN B 100 27.33 2.21 17.20
N SER B 101 26.08 1.97 17.57
CA SER B 101 25.61 0.65 17.96
C SER B 101 24.21 0.43 17.37
N VAL B 102 23.88 -0.82 17.05
CA VAL B 102 22.55 -1.17 16.51
C VAL B 102 21.48 -1.19 17.58
N VAL B 103 20.34 -0.56 17.30
CA VAL B 103 19.18 -0.65 18.20
C VAL B 103 18.02 -1.10 17.28
N CYS B 104 17.44 -2.27 17.59
CA CYS B 104 16.32 -2.82 16.80
C CYS B 104 15.00 -2.38 17.42
N SER B 105 13.95 -2.27 16.62
CA SER B 105 12.62 -1.96 17.14
C SER B 105 11.59 -2.59 16.21
N CYS B 106 10.32 -2.51 16.57
CA CYS B 106 9.28 -3.24 15.83
C CYS B 106 8.04 -2.37 15.62
N ALA B 107 7.22 -2.79 14.67
CA ALA B 107 5.96 -2.13 14.38
C ALA B 107 4.97 -2.36 15.52
N ARG B 108 3.90 -1.56 15.54
CA ARG B 108 2.90 -1.66 16.57
C ARG B 108 2.29 -3.04 16.51
N GLY B 109 2.05 -3.66 17.65
CA GLY B 109 1.50 -5.00 17.66
C GLY B 109 2.53 -6.11 17.71
N TYR B 110 3.80 -5.72 17.78
CA TYR B 110 4.92 -6.66 18.00
C TYR B 110 5.67 -6.22 19.23
N THR B 111 6.23 -7.17 19.98
CA THR B 111 7.16 -6.81 21.07
C THR B 111 8.60 -7.23 20.70
N LEU B 112 9.59 -6.43 21.08
CA LEU B 112 10.98 -6.78 20.80
C LEU B 112 11.33 -7.98 21.69
N ALA B 113 11.90 -9.02 21.10
CA ALA B 113 12.24 -10.21 21.87
C ALA B 113 13.40 -9.93 22.82
N ASP B 114 13.64 -10.88 23.74
CA ASP B 114 14.74 -10.78 24.73
C ASP B 114 16.11 -10.58 24.10
N ASN B 115 16.36 -11.21 22.94
CA ASN B 115 17.61 -10.97 22.21
C ASN B 115 17.76 -9.55 21.64
N GLY B 116 16.73 -8.72 21.78
CA GLY B 116 16.81 -7.34 21.27
C GLY B 116 16.83 -7.20 19.76
N LYS B 117 16.52 -8.29 19.04
CA LYS B 117 16.56 -8.30 17.57
C LYS B 117 15.24 -8.79 16.92
N ALA B 118 14.67 -9.86 17.47
CA ALA B 118 13.45 -10.44 16.86
C ALA B 118 12.22 -9.66 17.30
N CYS B 119 11.16 -9.73 16.49
CA CYS B 119 9.89 -9.09 16.78
C CYS B 119 8.84 -10.17 16.94
N ILE B 120 8.17 -10.18 18.09
CA ILE B 120 7.17 -11.22 18.40
C ILE B 120 5.76 -10.66 18.36
N PRO B 121 4.88 -11.27 17.56
CA PRO B 121 3.48 -10.79 17.50
C PRO B 121 2.79 -10.86 18.85
N THR B 122 2.00 -9.85 19.17
CA THR B 122 1.31 -9.84 20.47
C THR B 122 -0.06 -10.52 20.36
N GLY B 123 -0.52 -10.74 19.13
CA GLY B 123 -1.83 -11.34 18.97
C GLY B 123 -1.97 -12.05 17.65
N PRO B 124 -3.18 -12.57 17.40
CA PRO B 124 -3.31 -13.11 16.10
C PRO B 124 -3.49 -11.86 15.21
N TYR B 125 -3.26 -12.08 13.95
CA TYR B 125 -3.37 -11.06 12.92
C TYR B 125 -2.48 -9.84 13.14
N PRO B 126 -1.17 -10.07 13.41
CA PRO B 126 -0.26 -8.93 13.54
C PRO B 126 -0.13 -8.30 12.16
N CYS B 127 0.24 -7.03 12.14
CA CYS B 127 0.33 -6.37 10.86
C CYS B 127 1.38 -7.01 9.98
N GLY B 128 1.11 -6.97 8.67
CA GLY B 128 2.09 -7.36 7.65
C GLY B 128 2.30 -8.84 7.45
N LYS B 129 1.49 -9.65 8.07
CA LYS B 129 1.63 -11.08 7.89
C LYS B 129 0.53 -11.62 7.02
N GLN B 130 0.90 -12.35 5.98
CA GLN B 130 -0.14 -13.06 5.21
C GLN B 130 -0.87 -14.03 6.14
N THR B 131 -2.15 -14.24 5.88
CA THR B 131 -2.96 -15.11 6.72
C THR B 131 -2.97 -16.48 6.02
N LEU B 132 -1.85 -17.18 6.07
CA LEU B 132 -1.73 -18.47 5.40
C LEU B 132 -1.84 -19.59 6.43
CL GSQ C . -0.04 3.23 -10.45
C13 GSQ C . -1.12 3.38 -11.80
C14 GSQ C . -0.73 2.82 -13.05
C11 GSQ C . -1.59 2.96 -14.15
C6 GSQ C . -2.83 3.64 -13.98
N1 GSQ C . -3.86 3.91 -14.87
C5 GSQ C . -3.23 4.19 -12.72
C10 GSQ C . -2.36 4.04 -11.63
C2 GSQ C . -4.51 4.79 -12.85
C1 GSQ C . -4.81 4.59 -14.20
S4 GSQ C . -6.22 5.04 -15.12
O8 GSQ C . -6.17 4.24 -16.30
O9 GSQ C . -7.38 5.01 -14.27
N7 GSQ C . -6.20 6.61 -15.55
C12 GSQ C . -5.02 7.35 -15.99
C15 GSQ C . -4.54 8.48 -15.08
O19 GSQ C . -4.47 8.43 -13.85
C16 GSQ C . -5.24 7.99 -17.36
C20 GSQ C . -4.81 9.46 -17.19
N18 GSQ C . -4.18 9.51 -15.87
C21 GSQ C . -3.22 10.55 -15.43
C23 GSQ C . -2.08 10.68 -16.45
C22 GSQ C . -3.80 11.94 -15.15
O25 GSQ C . -4.70 12.38 -15.88
N24 GSQ C . -3.31 12.67 -14.11
C26 GSQ C . -1.94 12.62 -13.55
C28 GSQ C . -1.31 14.00 -13.33
O30 GSQ C . -2.25 14.81 -12.62
C29 GSQ C . -3.48 15.00 -13.33
C27 GSQ C . -4.19 13.64 -13.44
#